data_6MRN
#
_entry.id   6MRN
#
_cell.length_a   40.363
_cell.length_b   74.372
_cell.length_c   77.407
_cell.angle_alpha   90.00
_cell.angle_beta   90.00
_cell.angle_gamma   90.00
#
_symmetry.space_group_name_H-M   'P 21 21 21'
#
loop_
_entity.id
_entity.type
_entity.pdbx_description
1 polymer 'Deubiquitinase and deneddylase Dub2'
2 water water
#
_entity_poly.entity_id   1
_entity_poly.type   'polypeptide(L)'
_entity_poly.pdbx_seq_one_letter_code
;GALEDNEHLFQFSCLMQNKHRRVLPIDICNPLTKFNFLECICNCLMTKQSVNVNETDMCELFCPPTCTPENYRRLLCTSS
VFPFVMWHDPSADTQEAMLTKMDQTMSSGRVGNSHWVLVIVDIEYRCVTFFDSLCDYVASPQQMREQLEGLAVSLGAIYP
KEGGADSDQEELLSPFQVRIGSTVKVQSPGEFTCGAWCCQFLAWYLENPDFDLEEKVPTNPSERRALLADFISTTEQAMS
RYSSLSWPTTD
;
_entity_poly.pdbx_strand_id   A
#
# COMPACT_ATOMS: atom_id res chain seq x y z
N GLY A 1 -9.87 -12.84 8.86
CA GLY A 1 -10.58 -11.93 7.89
C GLY A 1 -9.99 -11.97 6.48
N ALA A 2 -10.85 -11.92 5.46
CA ALA A 2 -10.41 -12.12 4.08
C ALA A 2 -9.30 -11.15 3.60
N LEU A 3 -9.42 -9.89 4.00
CA LEU A 3 -8.52 -8.83 3.50
C LEU A 3 -7.30 -8.59 4.38
N GLU A 4 -7.03 -9.49 5.34
CA GLU A 4 -5.81 -9.40 6.16
C GLU A 4 -4.58 -10.19 5.63
N ASP A 5 -4.76 -11.00 4.59
CA ASP A 5 -3.69 -11.80 4.01
C ASP A 5 -3.08 -11.08 2.78
N ASN A 6 -1.75 -11.19 2.65
CA ASN A 6 -1.02 -10.49 1.58
C ASN A 6 -1.57 -10.73 0.16
N GLU A 7 -1.92 -11.99 -0.15
CA GLU A 7 -2.50 -12.30 -1.45
C GLU A 7 -3.77 -11.59 -1.81
N HIS A 8 -4.67 -11.53 -0.83
CA HIS A 8 -5.91 -10.79 -1.01
C HIS A 8 -5.63 -9.29 -1.11
N LEU A 9 -4.58 -8.77 -0.48
CA LEU A 9 -4.24 -7.35 -0.69
C LEU A 9 -3.69 -7.19 -2.10
N PHE A 10 -2.95 -8.18 -2.58
CA PHE A 10 -2.47 -8.13 -4.00
C PHE A 10 -3.67 -8.06 -4.92
N GLN A 11 -4.65 -8.93 -4.67
CA GLN A 11 -5.85 -9.00 -5.50
C GLN A 11 -6.64 -7.72 -5.47
N PHE A 12 -6.65 -7.05 -4.31
CA PHE A 12 -7.24 -5.71 -4.20
C PHE A 12 -6.51 -4.65 -5.00
N SER A 13 -5.20 -4.66 -4.97
CA SER A 13 -4.45 -3.76 -5.79
C SER A 13 -4.62 -4.06 -7.31
N CYS A 14 -4.74 -5.33 -7.71
CA CYS A 14 -5.17 -5.66 -9.04
C CYS A 14 -6.53 -5.06 -9.36
N LEU A 15 -7.49 -5.19 -8.46
CA LEU A 15 -8.83 -4.66 -8.73
C LEU A 15 -8.80 -3.14 -8.90
N MET A 16 -8.05 -2.42 -8.07
CA MET A 16 -7.95 -0.98 -8.24
C MET A 16 -7.33 -0.60 -9.57
N GLN A 17 -6.37 -1.42 -10.04
CA GLN A 17 -5.81 -1.26 -11.40
C GLN A 17 -6.87 -1.48 -12.49
N ASN A 18 -7.70 -2.52 -12.38
CA ASN A 18 -8.73 -2.75 -13.41
C ASN A 18 -9.87 -1.73 -13.34
N LYS A 19 -10.17 -1.21 -12.17
CA LYS A 19 -11.17 -0.13 -12.06
C LYS A 19 -10.63 1.22 -12.55
N HIS A 20 -9.46 1.61 -12.08
CA HIS A 20 -8.95 2.97 -12.29
C HIS A 20 -7.83 3.11 -13.33
N ARG A 21 -7.19 2.03 -13.72
CA ARG A 21 -6.15 2.07 -14.78
C ARG A 21 -4.94 2.98 -14.54
N ARG A 22 -4.67 3.33 -13.29
CA ARG A 22 -3.51 4.17 -12.97
C ARG A 22 -2.76 3.75 -11.69
N VAL A 23 -3.00 2.52 -11.22
CA VAL A 23 -2.46 2.01 -9.96
C VAL A 23 -1.49 0.87 -10.23
N LEU A 24 -0.30 0.94 -9.66
CA LEU A 24 0.63 -0.13 -9.69
C LEU A 24 0.26 -1.18 -8.61
N PRO A 25 -0.14 -2.42 -9.04
CA PRO A 25 -0.29 -3.49 -8.11
C PRO A 25 0.97 -3.75 -7.31
N ILE A 26 0.80 -4.12 -6.06
CA ILE A 26 1.96 -4.35 -5.19
C ILE A 26 2.54 -5.76 -5.38
N ASP A 27 3.80 -5.92 -4.97
CA ASP A 27 4.65 -7.07 -5.24
C ASP A 27 4.87 -7.85 -3.95
N ILE A 28 4.06 -8.85 -3.72
CA ILE A 28 4.13 -9.56 -2.46
C ILE A 28 5.31 -10.54 -2.33
N CYS A 29 5.92 -10.93 -3.44
CA CYS A 29 7.21 -11.64 -3.38
C CYS A 29 8.38 -10.83 -2.83
N ASN A 30 8.20 -9.50 -2.68
CA ASN A 30 9.12 -8.61 -1.98
C ASN A 30 8.48 -7.95 -0.71
N PRO A 31 8.23 -8.75 0.34
CA PRO A 31 7.55 -8.21 1.53
C PRO A 31 8.20 -6.96 2.13
N LEU A 32 7.44 -5.91 2.43
CA LEU A 32 8.02 -4.75 3.09
C LEU A 32 7.71 -4.74 4.57
N THR A 33 8.68 -4.23 5.31
CA THR A 33 8.59 -4.00 6.72
C THR A 33 9.21 -2.63 6.97
N LYS A 34 9.25 -2.22 8.23
CA LYS A 34 9.92 -0.99 8.60
C LYS A 34 11.41 -1.01 8.26
N PHE A 35 11.99 -2.19 8.17
CA PHE A 35 13.41 -2.30 7.81
C PHE A 35 13.76 -1.97 6.35
N ASN A 36 12.87 -2.23 5.40
CA ASN A 36 13.22 -2.09 3.99
C ASN A 36 12.26 -1.28 3.13
N PHE A 37 11.16 -0.78 3.70
CA PHE A 37 10.16 -0.07 2.91
C PHE A 37 10.73 1.16 2.25
N LEU A 38 11.53 1.99 2.91
CA LEU A 38 11.99 3.24 2.27
C LEU A 38 12.84 2.96 1.03
N GLU A 39 13.83 2.12 1.21
CA GLU A 39 14.60 1.63 0.07
C GLU A 39 13.76 1.09 -1.10
N CYS A 40 12.71 0.31 -0.84
CA CYS A 40 11.97 -0.31 -1.93
C CYS A 40 11.06 0.69 -2.69
N ILE A 41 10.49 1.64 -1.93
CA ILE A 41 9.74 2.76 -2.50
C ILE A 41 10.63 3.55 -3.47
N CYS A 42 11.84 3.86 -3.00
CA CYS A 42 12.82 4.49 -3.86
C CYS A 42 13.14 3.67 -5.12
N ASN A 43 13.45 2.37 -4.98
CA ASN A 43 13.77 1.56 -6.18
C ASN A 43 12.65 1.52 -7.19
N CYS A 44 11.43 1.44 -6.70
CA CYS A 44 10.27 1.41 -7.55
C CYS A 44 10.09 2.68 -8.42
N LEU A 45 10.27 3.87 -7.81
CA LEU A 45 10.10 5.15 -8.49
C LEU A 45 11.24 5.49 -9.46
N MET A 46 12.50 5.16 -9.09
CA MET A 46 13.63 5.17 -10.04
C MET A 46 13.33 4.23 -11.22
N THR A 47 12.73 3.06 -10.99
CA THR A 47 12.41 2.18 -12.14
C THR A 47 11.37 2.84 -13.05
N LYS A 48 10.40 3.50 -12.43
CA LYS A 48 9.35 4.24 -13.12
C LYS A 48 9.91 5.36 -13.92
N GLN A 49 10.86 6.08 -13.33
CA GLN A 49 11.56 7.18 -14.00
C GLN A 49 12.40 6.71 -15.20
N SER A 50 13.09 5.59 -15.02
CA SER A 50 13.86 5.05 -16.12
C SER A 50 12.94 4.61 -17.28
N VAL A 51 11.81 3.97 -16.98
CA VAL A 51 10.84 3.63 -18.05
C VAL A 51 10.39 4.86 -18.84
N ASN A 52 10.23 6.00 -18.15
CA ASN A 52 9.89 7.28 -18.80
C ASN A 52 10.86 7.72 -19.86
N VAL A 53 12.14 7.40 -19.73
CA VAL A 53 13.15 7.72 -20.80
C VAL A 53 13.67 6.52 -21.56
N ASN A 54 12.79 5.54 -21.74
CA ASN A 54 13.04 4.41 -22.61
C ASN A 54 14.22 3.56 -22.21
N GLU A 55 14.54 3.52 -20.92
CA GLU A 55 15.52 2.58 -20.37
C GLU A 55 14.79 1.37 -19.76
N THR A 56 14.84 0.23 -20.44
CA THR A 56 14.13 -0.97 -20.04
C THR A 56 14.91 -1.93 -19.12
N ASP A 57 16.20 -1.72 -18.93
CA ASP A 57 17.02 -2.75 -18.27
C ASP A 57 16.74 -2.86 -16.75
N MET A 58 16.76 -1.72 -16.07
CA MET A 58 16.36 -1.64 -14.67
C MET A 58 14.86 -1.70 -14.66
N CYS A 59 14.30 -2.86 -14.45
CA CYS A 59 12.90 -3.09 -14.81
C CYS A 59 12.84 -4.56 -15.06
N GLU A 60 13.68 -5.05 -15.98
CA GLU A 60 14.01 -6.47 -16.06
C GLU A 60 14.62 -6.88 -14.71
N LEU A 61 15.59 -6.11 -14.22
CA LEU A 61 16.17 -6.29 -12.86
C LEU A 61 15.18 -6.33 -11.68
N PHE A 62 14.18 -5.44 -11.65
CA PHE A 62 13.25 -5.36 -10.52
C PHE A 62 11.86 -6.01 -10.75
N CYS A 63 11.72 -6.73 -11.88
CA CYS A 63 10.43 -7.30 -12.31
C CYS A 63 10.01 -8.31 -11.25
N PRO A 64 8.74 -8.25 -10.80
CA PRO A 64 8.16 -9.28 -9.93
C PRO A 64 8.17 -10.68 -10.60
N PRO A 65 8.52 -11.74 -9.85
CA PRO A 65 8.79 -13.05 -10.49
C PRO A 65 7.61 -13.65 -11.25
N THR A 66 6.38 -13.32 -10.85
CA THR A 66 5.15 -13.76 -11.49
C THR A 66 4.57 -12.82 -12.54
N CYS A 67 5.39 -11.92 -13.08
CA CYS A 67 4.94 -10.89 -14.02
C CYS A 67 5.94 -10.90 -15.14
N THR A 68 5.53 -10.73 -16.39
CA THR A 68 6.52 -10.64 -17.45
C THR A 68 7.12 -9.21 -17.41
N PRO A 69 8.42 -9.09 -17.71
CA PRO A 69 9.13 -7.80 -17.79
C PRO A 69 8.42 -6.74 -18.67
N GLU A 70 7.98 -7.13 -19.87
CA GLU A 70 7.32 -6.16 -20.74
C GLU A 70 6.02 -5.67 -20.11
N ASN A 71 5.22 -6.58 -19.57
CA ASN A 71 3.98 -6.17 -18.89
C ASN A 71 4.23 -5.24 -17.64
N TYR A 72 5.33 -5.48 -16.94
CA TYR A 72 5.69 -4.66 -15.80
C TYR A 72 6.04 -3.24 -16.28
N ARG A 73 6.79 -3.17 -17.38
CA ARG A 73 7.16 -1.89 -17.98
C ARG A 73 5.92 -1.10 -18.38
N ARG A 74 4.98 -1.80 -18.99
CA ARG A 74 3.75 -1.18 -19.44
C ARG A 74 2.94 -0.63 -18.27
N LEU A 75 2.89 -1.36 -17.15
CA LEU A 75 2.11 -0.96 -15.99
C LEU A 75 2.74 0.24 -15.28
N LEU A 76 4.07 0.23 -15.23
CA LEU A 76 4.81 1.35 -14.69
C LEU A 76 4.62 2.57 -15.55
N CYS A 77 4.53 2.35 -16.85
CA CYS A 77 4.37 3.44 -17.79
C CYS A 77 3.12 4.26 -17.45
N THR A 78 2.00 3.55 -17.22
CA THR A 78 0.71 4.20 -17.00
C THR A 78 0.31 4.43 -15.54
N SER A 79 1.08 3.99 -14.55
CA SER A 79 0.70 4.15 -13.15
C SER A 79 1.05 5.54 -12.67
N SER A 80 0.13 6.21 -11.96
CA SER A 80 0.47 7.46 -11.20
C SER A 80 0.27 7.30 -9.67
N VAL A 81 -0.27 6.18 -9.25
CA VAL A 81 -0.55 5.92 -7.88
C VAL A 81 0.11 4.60 -7.53
N PHE A 82 0.92 4.69 -6.50
CA PHE A 82 1.76 3.61 -6.00
C PHE A 82 1.48 3.27 -4.56
N PRO A 83 0.66 2.26 -4.32
CA PRO A 83 0.39 1.80 -2.99
C PRO A 83 1.43 0.82 -2.54
N PHE A 84 1.82 0.94 -1.28
CA PHE A 84 2.75 0.04 -0.62
C PHE A 84 2.23 -0.24 0.76
N VAL A 85 2.22 -1.52 1.09
CA VAL A 85 1.77 -1.99 2.34
C VAL A 85 2.96 -2.59 3.09
N MET A 86 3.15 -2.09 4.31
CA MET A 86 4.15 -2.51 5.27
C MET A 86 3.50 -3.40 6.36
N TRP A 87 4.13 -4.55 6.63
CA TRP A 87 3.69 -5.51 7.66
C TRP A 87 4.61 -5.30 8.85
N HIS A 88 4.11 -5.46 10.04
CA HIS A 88 4.87 -5.10 11.25
C HIS A 88 4.38 -5.87 12.45
N ASP A 89 5.29 -6.19 13.34
CA ASP A 89 4.99 -6.93 14.58
C ASP A 89 5.99 -6.36 15.53
N PRO A 90 5.56 -5.74 16.66
CA PRO A 90 6.57 -5.13 17.51
C PRO A 90 7.52 -6.10 18.26
N SER A 91 7.26 -7.41 18.26
CA SER A 91 8.24 -8.42 18.77
C SER A 91 9.54 -8.47 18.03
N ALA A 92 9.49 -8.35 16.70
CA ALA A 92 10.67 -8.65 15.89
C ALA A 92 11.58 -7.45 15.83
N ASP A 93 12.86 -7.70 16.02
CA ASP A 93 13.93 -6.70 15.92
C ASP A 93 15.02 -7.06 14.90
N THR A 94 14.73 -8.05 14.03
CA THR A 94 15.53 -8.30 12.84
C THR A 94 14.58 -8.46 11.66
N GLN A 95 15.10 -8.33 10.45
CA GLN A 95 14.33 -8.58 9.25
C GLN A 95 14.03 -10.09 9.08
N GLU A 96 14.96 -10.98 9.38
CA GLU A 96 14.67 -12.42 9.23
C GLU A 96 13.59 -12.86 10.24
N ALA A 97 13.57 -12.28 11.43
CA ALA A 97 12.48 -12.59 12.39
C ALA A 97 11.15 -12.05 11.88
N MET A 98 11.17 -10.76 11.55
CA MET A 98 10.02 -10.11 10.95
C MET A 98 9.49 -10.95 9.80
N LEU A 99 10.32 -11.39 8.89
CA LEU A 99 9.79 -12.20 7.77
C LEU A 99 9.35 -13.63 8.11
N THR A 100 10.03 -14.25 9.06
CA THR A 100 9.61 -15.57 9.60
C THR A 100 8.23 -15.51 10.25
N LYS A 101 7.96 -14.45 11.04
CA LYS A 101 6.67 -14.26 11.72
C LYS A 101 5.59 -13.90 10.73
N MET A 102 5.93 -13.08 9.75
CA MET A 102 5.04 -12.82 8.65
C MET A 102 4.64 -14.08 7.91
N ASP A 103 5.56 -14.96 7.52
CA ASP A 103 5.19 -16.21 6.79
C ASP A 103 4.29 -17.11 7.62
N GLN A 104 4.56 -17.20 8.93
CA GLN A 104 3.74 -17.95 9.90
C GLN A 104 2.29 -17.51 9.94
N THR A 105 2.08 -16.20 10.10
CA THR A 105 0.72 -15.67 10.19
C THR A 105 -0.05 -15.88 8.90
N MET A 106 0.61 -15.73 7.75
CA MET A 106 -0.05 -15.93 6.45
C MET A 106 -0.34 -17.39 6.20
N SER A 107 0.52 -18.29 6.66
CA SER A 107 0.31 -19.74 6.51
C SER A 107 -0.76 -20.32 7.44
N SER A 108 -0.80 -19.85 8.70
CA SER A 108 -1.73 -20.38 9.72
C SER A 108 -3.03 -19.57 9.86
N GLY A 109 -2.90 -18.25 9.75
CA GLY A 109 -4.04 -17.35 9.91
C GLY A 109 -3.97 -16.59 11.22
N ARG A 110 -3.28 -17.10 12.22
CA ARG A 110 -3.37 -16.49 13.55
C ARG A 110 -2.75 -15.10 13.53
N VAL A 111 -3.56 -14.10 13.82
CA VAL A 111 -3.16 -12.69 13.66
C VAL A 111 -2.07 -12.29 14.68
N GLY A 112 -2.34 -12.47 15.98
CA GLY A 112 -1.35 -12.11 16.99
C GLY A 112 -1.25 -10.60 17.12
N ASN A 113 -0.04 -10.08 17.14
CA ASN A 113 0.13 -8.63 17.24
C ASN A 113 0.51 -7.99 15.89
N SER A 114 0.44 -8.75 14.80
CA SER A 114 0.73 -8.26 13.44
C SER A 114 -0.22 -7.12 13.00
N HIS A 115 0.19 -6.32 12.02
CA HIS A 115 -0.58 -5.15 11.62
C HIS A 115 -0.15 -4.68 10.23
N TRP A 116 -1.05 -4.15 9.43
CA TRP A 116 -0.68 -3.54 8.17
C TRP A 116 -0.82 -2.01 8.21
N VAL A 117 0.13 -1.26 7.68
CA VAL A 117 -0.08 0.16 7.30
C VAL A 117 0.12 0.41 5.80
N LEU A 118 -0.28 1.61 5.37
CA LEU A 118 -0.30 2.02 3.96
C LEU A 118 0.48 3.29 3.72
N VAL A 119 1.32 3.22 2.68
CA VAL A 119 1.84 4.38 2.00
C VAL A 119 1.39 4.41 0.51
N ILE A 120 0.83 5.55 0.14
CA ILE A 120 0.49 5.88 -1.25
C ILE A 120 1.41 6.99 -1.72
N VAL A 121 2.10 6.73 -2.83
CA VAL A 121 2.82 7.73 -3.56
C VAL A 121 2.01 8.08 -4.81
N ASP A 122 1.75 9.37 -4.96
CA ASP A 122 0.95 9.87 -6.04
C ASP A 122 1.82 10.86 -6.78
N ILE A 123 2.29 10.48 -7.98
CA ILE A 123 3.05 11.38 -8.84
C ILE A 123 2.21 12.40 -9.61
N GLU A 124 0.90 12.27 -9.69
CA GLU A 124 0.06 13.32 -10.30
C GLU A 124 -0.04 14.52 -9.33
N TYR A 125 -0.08 14.27 -8.02
CA TYR A 125 -0.15 15.34 -7.01
C TYR A 125 1.18 15.56 -6.28
N ARG A 126 2.21 14.76 -6.59
CA ARG A 126 3.52 14.87 -5.96
C ARG A 126 3.31 14.85 -4.44
N CYS A 127 2.71 13.76 -3.99
CA CYS A 127 2.34 13.63 -2.61
C CYS A 127 2.59 12.18 -2.12
N VAL A 128 3.06 12.09 -0.89
CA VAL A 128 3.11 10.85 -0.13
C VAL A 128 2.12 10.89 1.00
N THR A 129 1.23 9.93 1.02
CA THR A 129 0.21 9.82 2.05
C THR A 129 0.36 8.56 2.94
N PHE A 130 0.32 8.74 4.25
CA PHE A 130 0.42 7.64 5.20
C PHE A 130 -0.92 7.34 5.86
N PHE A 131 -1.28 6.06 5.95
CA PHE A 131 -2.48 5.66 6.68
C PHE A 131 -2.20 4.50 7.63
N ASP A 132 -2.54 4.72 8.91
CA ASP A 132 -2.52 3.69 9.97
C ASP A 132 -3.85 3.68 10.70
N SER A 133 -4.60 2.59 10.55
CA SER A 133 -5.93 2.45 11.15
C SER A 133 -5.94 2.58 12.70
N LEU A 134 -4.76 2.33 13.32
CA LEU A 134 -4.50 2.56 14.75
C LEU A 134 -3.67 3.83 15.08
N CYS A 135 -3.34 4.60 14.04
CA CYS A 135 -2.51 5.83 14.13
C CYS A 135 -1.04 5.73 14.43
N ASP A 136 -0.65 5.01 15.50
CA ASP A 136 0.74 5.01 16.00
C ASP A 136 1.16 3.62 16.46
N TYR A 137 0.81 2.61 15.66
CA TYR A 137 1.17 1.25 15.99
C TYR A 137 2.64 1.00 15.74
N VAL A 138 3.18 1.57 14.66
CA VAL A 138 4.58 1.38 14.31
C VAL A 138 5.47 2.40 14.97
N ALA A 139 5.06 3.66 14.97
CA ALA A 139 5.87 4.73 15.50
C ALA A 139 4.95 5.89 15.80
N SER A 140 5.46 6.91 16.49
CA SER A 140 4.67 8.12 16.73
C SER A 140 4.36 8.75 15.35
N PRO A 141 3.24 9.46 15.23
CA PRO A 141 2.95 10.04 13.92
C PRO A 141 4.03 11.05 13.41
N GLN A 142 4.75 11.76 14.30
CA GLN A 142 5.78 12.73 13.87
C GLN A 142 7.06 12.00 13.44
N GLN A 143 7.36 10.89 14.10
CA GLN A 143 8.45 10.01 13.70
C GLN A 143 8.17 9.47 12.31
N MET A 144 6.93 9.07 12.05
CA MET A 144 6.60 8.60 10.72
C MET A 144 6.64 9.75 9.70
N ARG A 145 6.21 10.93 10.12
CA ARG A 145 6.22 12.12 9.25
C ARG A 145 7.64 12.49 8.86
N GLU A 146 8.55 12.33 9.82
CA GLU A 146 9.97 12.67 9.65
C GLU A 146 10.59 11.72 8.62
N GLN A 147 10.58 10.42 8.88
CA GLN A 147 10.98 9.38 7.91
C GLN A 147 10.44 9.66 6.49
N LEU A 148 9.15 9.95 6.41
CA LEU A 148 8.50 10.17 5.16
C LEU A 148 8.86 11.46 4.46
N GLU A 149 9.16 12.50 5.24
CA GLU A 149 9.62 13.78 4.72
C GLU A 149 10.99 13.61 4.06
N GLY A 150 11.85 12.81 4.67
CA GLY A 150 13.12 12.45 4.08
C GLY A 150 12.94 11.63 2.80
N LEU A 151 12.03 10.66 2.79
CA LEU A 151 11.71 9.96 1.54
C LEU A 151 11.19 10.92 0.47
N ALA A 152 10.50 11.96 0.87
CA ALA A 152 9.90 12.90 -0.07
C ALA A 152 10.91 13.77 -0.78
N VAL A 153 12.05 14.00 -0.12
CA VAL A 153 13.19 14.70 -0.73
C VAL A 153 13.75 13.78 -1.78
N SER A 154 14.09 12.57 -1.36
CA SER A 154 14.54 11.54 -2.29
C SER A 154 13.68 11.41 -3.51
N LEU A 155 12.37 11.33 -3.31
CA LEU A 155 11.43 11.17 -4.43
C LEU A 155 11.36 12.37 -5.36
N GLY A 156 11.51 13.57 -4.79
CA GLY A 156 11.42 14.81 -5.59
C GLY A 156 12.53 14.89 -6.61
N ALA A 157 13.70 14.45 -6.18
CA ALA A 157 14.87 14.32 -7.04
C ALA A 157 14.78 13.10 -7.98
N ILE A 158 14.30 11.96 -7.50
CA ILE A 158 14.21 10.74 -8.32
C ILE A 158 13.23 10.94 -9.46
N TYR A 159 12.20 11.72 -9.18
CA TYR A 159 11.08 11.89 -10.08
C TYR A 159 10.88 13.40 -10.22
N PRO A 160 11.46 13.99 -11.25
CA PRO A 160 11.41 15.45 -11.36
C PRO A 160 10.09 16.02 -11.87
N LYS A 161 9.98 17.34 -11.72
CA LYS A 161 8.93 18.19 -12.26
C LYS A 161 7.79 18.32 -11.26
N LEU A 172 11.57 21.90 -9.48
CA LEU A 172 11.78 20.84 -10.46
C LEU A 172 12.08 19.55 -9.77
N LEU A 173 12.99 19.60 -8.81
CA LEU A 173 13.34 18.43 -8.04
C LEU A 173 12.82 18.61 -6.65
N SER A 174 11.89 19.54 -6.49
CA SER A 174 11.29 19.85 -5.19
C SER A 174 10.70 18.60 -4.50
N PRO A 175 10.76 18.58 -3.17
CA PRO A 175 10.22 17.39 -2.54
C PRO A 175 8.70 17.25 -2.75
N PHE A 176 8.23 16.03 -2.62
CA PHE A 176 6.80 15.78 -2.63
C PHE A 176 6.21 16.30 -1.31
N GLN A 177 4.90 16.56 -1.32
CA GLN A 177 4.17 16.81 -0.09
C GLN A 177 4.01 15.48 0.72
N VAL A 178 3.90 15.59 2.04
CA VAL A 178 3.61 14.46 2.94
C VAL A 178 2.28 14.74 3.66
N ARG A 179 1.32 13.83 3.52
CA ARG A 179 0.05 13.89 4.23
C ARG A 179 -0.03 12.69 5.14
N ILE A 180 -0.40 12.93 6.41
CA ILE A 180 -0.89 11.89 7.33
C ILE A 180 -2.42 11.81 7.21
N GLY A 181 -2.93 10.70 6.65
CA GLY A 181 -4.34 10.51 6.31
C GLY A 181 -5.14 10.02 7.49
N SER A 182 -4.52 9.17 8.31
CA SER A 182 -5.10 8.72 9.60
C SER A 182 -5.09 9.87 10.66
N THR A 183 -5.98 10.83 10.45
CA THR A 183 -6.15 12.01 11.32
C THR A 183 -6.72 11.59 12.69
N VAL A 184 -7.46 10.47 12.69
CA VAL A 184 -8.05 9.88 13.87
C VAL A 184 -8.18 8.33 13.73
N LYS A 185 -8.27 7.61 14.85
CA LYS A 185 -8.31 6.13 14.87
C LYS A 185 -9.63 5.56 14.36
N VAL A 186 -9.54 4.52 13.55
CA VAL A 186 -10.64 3.97 12.81
C VAL A 186 -10.91 2.49 13.16
N GLN A 187 -9.93 1.88 13.79
CA GLN A 187 -10.02 0.53 14.25
C GLN A 187 -9.97 0.61 15.78
N SER A 188 -11.06 0.20 16.44
CA SER A 188 -11.07 0.00 17.90
C SER A 188 -10.17 -1.19 18.35
N PRO A 189 -9.90 -1.33 19.66
CA PRO A 189 -8.81 -2.24 20.10
C PRO A 189 -8.90 -3.78 19.85
N GLY A 190 -10.11 -4.33 19.68
CA GLY A 190 -10.32 -5.82 19.56
C GLY A 190 -10.79 -6.33 18.20
N GLU A 191 -10.35 -5.66 17.14
CA GLU A 191 -10.83 -5.89 15.80
C GLU A 191 -9.57 -6.20 15.03
N PHE A 192 -9.63 -7.12 14.06
CA PHE A 192 -8.47 -7.52 13.26
C PHE A 192 -8.78 -7.18 11.82
N THR A 193 -8.81 -5.88 11.59
CA THR A 193 -9.36 -5.29 10.40
C THR A 193 -8.42 -4.33 9.65
N CYS A 194 -7.12 -4.34 9.95
CA CYS A 194 -6.24 -3.30 9.39
C CYS A 194 -6.10 -3.38 7.89
N GLY A 195 -5.96 -4.61 7.41
CA GLY A 195 -5.97 -4.95 5.98
C GLY A 195 -7.12 -4.38 5.21
N ALA A 196 -8.31 -4.62 5.72
CA ALA A 196 -9.51 -4.11 5.08
C ALA A 196 -9.52 -2.62 5.13
N TRP A 197 -9.13 -2.04 6.27
CA TRP A 197 -9.11 -0.58 6.39
C TRP A 197 -8.13 0.03 5.41
N CYS A 198 -6.97 -0.63 5.18
CA CYS A 198 -6.02 -0.12 4.16
C CYS A 198 -6.62 -0.12 2.75
N CYS A 199 -7.36 -1.17 2.39
CA CYS A 199 -8.03 -1.22 1.10
C CYS A 199 -9.10 -0.17 0.93
N GLN A 200 -9.95 -0.01 1.93
CA GLN A 200 -10.99 0.99 1.92
C GLN A 200 -10.40 2.41 1.84
N PHE A 201 -9.28 2.69 2.53
CA PHE A 201 -8.61 3.99 2.42
C PHE A 201 -8.11 4.22 0.98
N LEU A 202 -7.59 3.18 0.35
CA LEU A 202 -7.10 3.27 -1.01
C LEU A 202 -8.24 3.53 -1.99
N ALA A 203 -9.32 2.76 -1.84
CA ALA A 203 -10.51 2.98 -2.70
C ALA A 203 -11.00 4.44 -2.59
N TRP A 204 -11.17 4.93 -1.38
CA TRP A 204 -11.53 6.35 -1.21
C TRP A 204 -10.53 7.31 -1.84
N TYR A 205 -9.23 7.00 -1.71
CA TYR A 205 -8.21 7.82 -2.32
C TYR A 205 -8.35 7.91 -3.85
N LEU A 206 -8.59 6.75 -4.50
CA LEU A 206 -8.77 6.68 -5.94
C LEU A 206 -10.00 7.40 -6.42
N GLU A 207 -11.09 7.30 -5.65
CA GLU A 207 -12.34 8.06 -5.90
C GLU A 207 -12.10 9.59 -5.85
N ASN A 208 -11.48 10.07 -4.78
CA ASN A 208 -11.15 11.49 -4.67
C ASN A 208 -10.00 11.62 -3.70
N PRO A 209 -8.81 12.01 -4.23
CA PRO A 209 -7.60 12.11 -3.44
C PRO A 209 -7.57 13.24 -2.40
N ASP A 210 -8.56 14.11 -2.43
CA ASP A 210 -8.72 15.14 -1.39
C ASP A 210 -9.76 14.83 -0.28
N PHE A 211 -10.27 13.60 -0.21
CA PHE A 211 -11.19 13.23 0.89
C PHE A 211 -10.61 13.41 2.31
N ASP A 212 -11.50 13.60 3.27
CA ASP A 212 -11.20 13.63 4.72
C ASP A 212 -11.76 12.34 5.30
N LEU A 213 -10.94 11.61 6.05
CA LEU A 213 -11.31 10.36 6.64
C LEU A 213 -12.37 10.54 7.73
N GLU A 214 -12.25 11.60 8.53
CA GLU A 214 -13.19 11.94 9.59
C GLU A 214 -14.63 12.06 9.08
N GLU A 215 -14.82 12.68 7.93
CA GLU A 215 -16.13 12.73 7.25
C GLU A 215 -16.66 11.38 6.72
N LYS A 216 -15.78 10.47 6.30
CA LYS A 216 -16.25 9.16 5.79
C LYS A 216 -16.70 8.28 6.95
N VAL A 217 -15.99 8.31 8.08
CA VAL A 217 -16.19 7.30 9.12
C VAL A 217 -17.12 7.81 10.26
N PRO A 218 -18.22 7.05 10.52
CA PRO A 218 -19.10 7.37 11.64
C PRO A 218 -18.42 7.25 12.98
N THR A 219 -18.83 8.06 13.94
CA THR A 219 -18.36 7.91 15.34
C THR A 219 -18.94 6.65 16.04
N ASN A 220 -20.20 6.33 15.80
CA ASN A 220 -20.85 5.17 16.44
C ASN A 220 -20.17 3.84 16.06
N PRO A 221 -19.76 3.04 17.04
CA PRO A 221 -18.96 1.86 16.68
C PRO A 221 -19.66 0.79 15.80
N SER A 222 -20.96 0.57 15.97
CA SER A 222 -21.76 -0.29 15.07
C SER A 222 -21.81 0.19 13.65
N GLU A 223 -22.02 1.48 13.49
CA GLU A 223 -22.13 2.11 12.18
C GLU A 223 -20.81 1.99 11.44
N ARG A 224 -19.71 2.17 12.17
CA ARG A 224 -18.39 2.05 11.59
C ARG A 224 -18.15 0.60 11.14
N ARG A 225 -18.37 -0.34 12.06
CA ARG A 225 -18.20 -1.75 11.75
C ARG A 225 -19.06 -2.13 10.55
N ALA A 226 -20.29 -1.66 10.52
CA ALA A 226 -21.16 -1.91 9.36
C ALA A 226 -20.60 -1.34 8.05
N LEU A 227 -20.04 -0.14 8.07
CA LEU A 227 -19.42 0.39 6.83
C LEU A 227 -18.44 -0.62 6.27
N LEU A 228 -17.57 -1.11 7.12
CA LEU A 228 -16.42 -1.85 6.65
C LEU A 228 -16.88 -3.22 6.16
N ALA A 229 -17.82 -3.78 6.92
CA ALA A 229 -18.40 -5.08 6.63
C ALA A 229 -19.00 -5.07 5.22
N ASP A 230 -19.65 -3.98 4.86
CA ASP A 230 -20.20 -3.77 3.49
C ASP A 230 -19.11 -3.61 2.46
N PHE A 231 -18.07 -2.88 2.84
CA PHE A 231 -16.93 -2.74 1.98
C PHE A 231 -16.32 -4.13 1.70
N ILE A 232 -16.13 -4.92 2.74
CA ILE A 232 -15.53 -6.24 2.64
C ILE A 232 -16.33 -7.25 1.76
N SER A 233 -17.64 -7.38 2.00
CA SER A 233 -18.53 -8.26 1.23
C SER A 233 -18.48 -7.94 -0.23
N THR A 234 -18.64 -6.66 -0.53
CA THR A 234 -18.76 -6.23 -1.91
C THR A 234 -17.43 -6.42 -2.57
N THR A 235 -16.35 -6.06 -1.90
CA THR A 235 -15.04 -6.21 -2.51
C THR A 235 -14.64 -7.70 -2.65
N GLU A 236 -14.91 -8.54 -1.64
CA GLU A 236 -14.80 -10.00 -1.75
C GLU A 236 -15.58 -10.58 -2.96
N GLN A 237 -16.77 -10.07 -3.24
CA GLN A 237 -17.57 -10.58 -4.36
C GLN A 237 -16.95 -10.25 -5.71
N ALA A 238 -16.52 -9.00 -5.89
CA ALA A 238 -15.79 -8.58 -7.10
C ALA A 238 -14.47 -9.32 -7.34
N MET A 239 -13.83 -9.78 -6.27
CA MET A 239 -12.55 -10.49 -6.33
C MET A 239 -12.69 -12.00 -6.56
N SER A 240 -13.90 -12.53 -6.42
CA SER A 240 -14.10 -13.98 -6.48
C SER A 240 -13.86 -14.41 -7.90
N ARG A 241 -14.67 -13.87 -8.81
CA ARG A 241 -14.49 -14.13 -10.24
C ARG A 241 -13.19 -13.40 -10.69
N TYR A 242 -12.07 -14.11 -10.53
CA TYR A 242 -10.74 -13.70 -11.01
C TYR A 242 -9.88 -14.92 -11.42
N SER A 243 -8.83 -14.66 -12.20
CA SER A 243 -7.69 -15.57 -12.33
C SER A 243 -6.84 -15.35 -11.07
N SER A 244 -6.28 -16.42 -10.51
CA SER A 244 -5.57 -16.33 -9.22
C SER A 244 -4.22 -15.70 -9.40
N LEU A 245 -4.03 -14.54 -8.77
CA LEU A 245 -2.69 -13.92 -8.56
C LEU A 245 -1.89 -13.60 -9.86
N SER A 246 -2.65 -13.29 -10.92
CA SER A 246 -2.15 -12.83 -12.18
C SER A 246 -2.09 -11.33 -12.17
N TRP A 247 -1.07 -10.82 -12.81
CA TRP A 247 -0.91 -9.41 -12.93
C TRP A 247 -1.91 -8.91 -14.00
N PRO A 248 -2.51 -7.70 -13.80
CA PRO A 248 -3.31 -7.11 -14.85
C PRO A 248 -2.48 -6.69 -16.03
N THR A 249 -3.16 -6.41 -17.14
CA THR A 249 -2.57 -5.93 -18.41
C THR A 249 -2.99 -4.47 -18.68
N THR A 250 -2.41 -3.83 -19.71
CA THR A 250 -2.80 -2.46 -20.13
C THR A 250 -3.45 -2.40 -21.52
#